data_5DUF
#
_entry.id   5DUF
#
_cell.length_a   103.880
_cell.length_b   103.880
_cell.length_c   54.390
_cell.angle_alpha   90.00
_cell.angle_beta   90.00
_cell.angle_gamma   120.00
#
_symmetry.space_group_name_H-M   'P 63'
#
loop_
_entity.id
_entity.type
_entity.pdbx_description
1 polymer 'Probable enoyl-CoA hydratase echA6'
2 non-polymer '(5R,7S)-5-(4-ethylphenyl)-7-(trifluoromethyl)-4,5,6,7-tetrahydropyrazolo[1,5-a]pyrimidine-3-carboxylic acid'
3 water water
#
_entity_poly.entity_id   1
_entity_poly.type   'polypeptide(L)'
_entity_poly.pdbx_seq_one_letter_code
;MGSSHHHHHHSSGLVPRGSHMIGITQAEAVLTIELQRPERRNALNSQLVEELTQAIRKAGDGSARAIVLTGQGTAFCAGA
DLSGDAFAADYPDRLIELHKAMDASPMPVVGAINGPAIGAGLQLAMQCDLRVVAPDAFFQFPTSKYGLALDNWSIRRLSS
LVGHGRARAMLLSAEKLTAEIALHTGMANRIGTLADAQAWAAEIARLAPLAIQHAKRVLNDDGAIEEAWPAHKELFDKAW
GSQDVIEAQVARMEKRPPKFQGA
;
_entity_poly.pdbx_strand_id   A
#
loop_
_chem_comp.id
_chem_comp.type
_chem_comp.name
_chem_comp.formula
G7A non-polymer '(5R,7S)-5-(4-ethylphenyl)-7-(trifluoromethyl)-4,5,6,7-tetrahydropyrazolo[1,5-a]pyrimidine-3-carboxylic acid' 'C16 H16 F3 N3 O2'
#
# COMPACT_ATOMS: atom_id res chain seq x y z
N SER A 19 8.92 1.84 21.64
CA SER A 19 9.39 3.09 21.03
C SER A 19 8.38 3.62 20.01
N HIS A 20 8.88 4.02 18.85
CA HIS A 20 8.01 4.42 17.74
C HIS A 20 8.56 3.89 16.42
N MET A 21 7.66 3.52 15.50
CA MET A 21 8.05 2.91 14.23
C MET A 21 7.82 3.85 13.05
N ILE A 22 7.49 5.10 13.34
CA ILE A 22 7.32 6.12 12.31
C ILE A 22 7.90 7.45 12.76
N GLY A 23 8.19 8.30 11.78
CA GLY A 23 8.62 9.66 12.04
C GLY A 23 7.66 10.64 11.38
N ILE A 24 7.39 11.74 12.06
CA ILE A 24 6.43 12.73 11.59
C ILE A 24 7.06 14.12 11.66
N THR A 25 7.08 14.81 10.53
CA THR A 25 7.64 16.16 10.47
C THR A 25 6.77 17.04 9.60
N GLN A 26 6.87 18.35 9.79
CA GLN A 26 6.09 19.30 9.01
C GLN A 26 6.90 20.49 8.54
N ALA A 27 6.84 20.76 7.25
CA ALA A 27 7.43 21.97 6.70
C ALA A 27 6.28 22.78 6.12
N GLU A 28 6.04 23.93 6.72
CA GLU A 28 4.89 24.77 6.39
C GLU A 28 3.59 23.96 6.39
N ALA A 29 2.96 23.79 5.22
CA ALA A 29 1.66 23.14 5.15
C ALA A 29 1.71 21.68 4.69
N VAL A 30 2.91 21.12 4.63
CA VAL A 30 3.06 19.71 4.23
C VAL A 30 3.56 18.86 5.38
N LEU A 31 2.76 17.85 5.74
CA LEU A 31 3.14 16.89 6.76
C LEU A 31 3.73 15.64 6.15
N THR A 32 4.98 15.31 6.50
CA THR A 32 5.62 14.09 6.01
C THR A 32 5.61 12.99 7.07
N ILE A 33 5.04 11.84 6.70
CA ILE A 33 5.02 10.67 7.56
C ILE A 33 5.95 9.62 6.96
N GLU A 34 6.95 9.19 7.74
CA GLU A 34 7.93 8.22 7.28
C GLU A 34 7.83 6.92 8.07
N LEU A 35 7.64 5.81 7.36
CA LEU A 35 7.75 4.48 7.98
C LEU A 35 9.19 4.26 8.42
N GLN A 36 9.38 3.85 9.67
CA GLN A 36 10.72 3.69 10.22
C GLN A 36 10.98 2.30 10.80
N ARG A 37 10.72 1.28 9.99
CA ARG A 37 11.08 -0.09 10.34
C ARG A 37 11.98 -0.66 9.25
N PRO A 38 13.06 0.06 8.90
CA PRO A 38 13.90 -0.39 7.79
C PRO A 38 14.55 -1.74 8.06
N GLU A 39 14.59 -2.16 9.31
CA GLU A 39 15.18 -3.46 9.67
C GLU A 39 14.32 -4.63 9.18
N ARG A 40 13.12 -4.31 8.68
CA ARG A 40 12.29 -5.31 8.00
C ARG A 40 11.79 -4.72 6.68
N ARG A 41 12.57 -3.81 6.09
CA ARG A 41 12.18 -3.11 4.85
C ARG A 41 10.77 -2.52 4.94
N ASN A 42 10.49 -1.96 6.11
CA ASN A 42 9.22 -1.31 6.43
C ASN A 42 7.98 -2.19 6.34
N ALA A 43 8.19 -3.51 6.46
CA ALA A 43 7.07 -4.43 6.51
C ALA A 43 6.18 -4.08 7.70
N LEU A 44 4.87 -4.16 7.50
CA LEU A 44 3.92 -3.73 8.51
C LEU A 44 3.75 -4.73 9.67
N ASN A 45 3.39 -4.21 10.84
CA ASN A 45 2.83 -5.02 11.92
C ASN A 45 1.77 -4.20 12.65
N SER A 46 1.22 -4.73 13.74
CA SER A 46 0.14 -4.04 14.42
C SER A 46 0.53 -2.65 14.92
N GLN A 47 1.73 -2.53 15.49
CA GLN A 47 2.21 -1.25 16.01
C GLN A 47 2.37 -0.21 14.90
N LEU A 48 3.04 -0.60 13.83
CA LEU A 48 3.29 0.33 12.73
C LEU A 48 1.97 0.81 12.13
N VAL A 49 1.04 -0.11 11.95
CA VAL A 49 -0.28 0.23 11.41
C VAL A 49 -1.04 1.16 12.34
N GLU A 50 -1.02 0.87 13.64
CA GLU A 50 -1.71 1.72 14.60
C GLU A 50 -1.16 3.15 14.59
N GLU A 51 0.17 3.26 14.56
CA GLU A 51 0.82 4.57 14.58
C GLU A 51 0.53 5.34 13.29
N LEU A 52 0.53 4.65 12.16
CA LEU A 52 0.19 5.29 10.89
C LEU A 52 -1.24 5.82 10.91
N THR A 53 -2.17 5.01 11.41
CA THR A 53 -3.57 5.41 11.50
C THR A 53 -3.73 6.68 12.32
N GLN A 54 -3.07 6.74 13.47
CA GLN A 54 -3.13 7.92 14.31
C GLN A 54 -2.54 9.16 13.63
N ALA A 55 -1.43 8.98 12.93
CA ALA A 55 -0.75 10.07 12.25
C ALA A 55 -1.66 10.66 11.16
N ILE A 56 -2.31 9.79 10.41
CA ILE A 56 -3.25 10.24 9.37
C ILE A 56 -4.44 10.98 10.00
N ARG A 57 -5.03 10.41 11.03
CA ARG A 57 -6.18 11.03 11.69
C ARG A 57 -5.85 12.41 12.26
N LYS A 58 -4.64 12.58 12.78
CA LYS A 58 -4.26 13.82 13.44
C LYS A 58 -3.58 14.81 12.50
N ALA A 59 -3.44 14.45 11.23
CA ALA A 59 -2.71 15.27 10.27
C ALA A 59 -3.31 16.66 10.11
N GLY A 60 -4.58 16.80 10.48
CA GLY A 60 -5.28 18.08 10.33
C GLY A 60 -5.38 18.88 11.61
N ASP A 61 -4.59 18.51 12.61
CA ASP A 61 -4.58 19.23 13.88
C ASP A 61 -3.82 20.54 13.77
N GLY A 62 -2.84 20.56 12.87
CA GLY A 62 -2.08 21.77 12.61
C GLY A 62 -2.59 22.48 11.38
N SER A 63 -1.69 23.15 10.67
CA SER A 63 -2.06 23.92 9.49
C SER A 63 -1.84 23.13 8.20
N ALA A 64 -1.59 21.83 8.33
CA ALA A 64 -1.25 21.01 7.16
C ALA A 64 -2.41 20.91 6.16
N ARG A 65 -2.08 20.99 4.88
CA ARG A 65 -3.06 20.83 3.81
C ARG A 65 -2.74 19.67 2.85
N ALA A 66 -1.59 19.02 3.06
CA ALA A 66 -1.22 17.86 2.27
C ALA A 66 -0.30 16.97 3.09
N ILE A 67 -0.32 15.68 2.78
CA ILE A 67 0.51 14.69 3.45
C ILE A 67 1.42 14.03 2.43
N VAL A 68 2.67 13.79 2.80
CA VAL A 68 3.56 12.92 2.04
C VAL A 68 3.84 11.69 2.87
N LEU A 69 3.61 10.52 2.28
CA LEU A 69 3.87 9.23 2.96
C LEU A 69 5.05 8.54 2.28
N THR A 70 6.02 8.08 3.06
CA THR A 70 7.24 7.54 2.48
C THR A 70 7.89 6.54 3.43
N GLY A 71 8.87 5.79 2.92
CA GLY A 71 9.60 4.83 3.73
C GLY A 71 11.07 5.18 3.95
N GLN A 72 11.58 4.86 5.13
CA GLN A 72 13.00 5.03 5.44
C GLN A 72 13.81 3.92 4.77
N GLY A 73 14.92 4.29 4.15
CA GLY A 73 15.80 3.28 3.57
C GLY A 73 15.47 2.92 2.13
N THR A 74 15.77 1.68 1.75
CA THR A 74 15.66 1.29 0.35
C THR A 74 14.27 0.87 -0.12
N ALA A 75 13.38 0.54 0.82
CA ALA A 75 12.04 0.08 0.46
C ALA A 75 10.97 1.06 0.93
N PHE A 76 9.88 1.12 0.18
CA PHE A 76 8.70 1.85 0.66
C PHE A 76 8.03 0.98 1.72
N CYS A 77 7.67 -0.24 1.34
CA CYS A 77 7.08 -1.22 2.25
C CYS A 77 7.06 -2.58 1.57
N ALA A 78 7.79 -3.53 2.13
CA ALA A 78 8.00 -4.84 1.49
C ALA A 78 6.93 -5.88 1.83
N GLY A 79 5.95 -5.50 2.63
CA GLY A 79 4.84 -6.40 2.93
C GLY A 79 4.44 -6.36 4.39
N ALA A 80 4.28 -7.54 4.98
CA ALA A 80 3.94 -7.66 6.39
C ALA A 80 4.90 -8.62 7.08
N ASP A 81 5.22 -8.33 8.33
CA ASP A 81 6.05 -9.22 9.15
C ASP A 81 5.58 -9.11 10.60
N LEU A 82 4.87 -10.14 11.06
CA LEU A 82 4.20 -10.11 12.36
C LEU A 82 4.96 -10.85 13.46
N SER A 83 6.27 -11.00 13.29
CA SER A 83 7.05 -11.68 14.31
C SER A 83 8.04 -10.74 15.01
N GLY A 84 8.03 -10.72 16.33
CA GLY A 84 7.05 -11.43 17.13
C GLY A 84 6.02 -10.47 17.70
N ASP A 85 4.97 -10.24 16.92
CA ASP A 85 3.95 -9.25 17.21
C ASP A 85 2.93 -9.73 18.24
N ALA A 86 2.94 -9.14 19.43
CA ALA A 86 2.04 -9.56 20.50
C ALA A 86 0.56 -9.32 20.18
N PHE A 87 0.30 -8.52 19.14
CA PHE A 87 -1.07 -8.24 18.73
C PHE A 87 -1.31 -8.60 17.26
N ALA A 88 -0.67 -9.67 16.83
CA ALA A 88 -0.74 -10.13 15.45
C ALA A 88 -2.14 -10.52 15.03
N ALA A 89 -2.93 -11.05 15.96
CA ALA A 89 -4.29 -11.45 15.66
C ALA A 89 -5.15 -10.24 15.28
N ASP A 90 -4.76 -9.07 15.78
CA ASP A 90 -5.49 -7.83 15.51
C ASP A 90 -5.06 -7.17 14.22
N TYR A 91 -3.93 -7.60 13.66
CA TYR A 91 -3.33 -6.92 12.51
C TYR A 91 -4.26 -6.71 11.30
N PRO A 92 -4.95 -7.78 10.86
CA PRO A 92 -5.79 -7.62 9.67
C PRO A 92 -6.87 -6.56 9.82
N ASP A 93 -7.51 -6.52 10.99
CA ASP A 93 -8.54 -5.53 11.29
C ASP A 93 -7.96 -4.12 11.38
N ARG A 94 -6.81 -3.98 12.03
CA ARG A 94 -6.15 -2.67 12.13
C ARG A 94 -5.74 -2.17 10.75
N LEU A 95 -5.31 -3.09 9.89
CA LEU A 95 -4.94 -2.71 8.53
C LEU A 95 -6.13 -2.11 7.79
N ILE A 96 -7.28 -2.75 7.90
CA ILE A 96 -8.50 -2.21 7.30
C ILE A 96 -8.81 -0.81 7.86
N GLU A 97 -8.61 -0.62 9.16
CA GLU A 97 -8.84 0.67 9.80
C GLU A 97 -7.93 1.77 9.22
N LEU A 98 -6.69 1.42 8.93
CA LEU A 98 -5.76 2.36 8.31
C LEU A 98 -6.29 2.80 6.94
N HIS A 99 -6.70 1.84 6.12
CA HIS A 99 -7.23 2.17 4.81
C HIS A 99 -8.47 3.05 4.90
N LYS A 100 -9.35 2.76 5.86
CA LYS A 100 -10.52 3.61 6.09
C LYS A 100 -10.10 5.03 6.48
N ALA A 101 -9.07 5.15 7.30
CA ALA A 101 -8.58 6.47 7.72
C ALA A 101 -8.04 7.29 6.54
N MET A 102 -7.27 6.64 5.67
CA MET A 102 -6.75 7.33 4.49
C MET A 102 -7.89 7.72 3.55
N ASP A 103 -8.80 6.79 3.30
CA ASP A 103 -9.94 7.05 2.43
C ASP A 103 -10.80 8.21 2.93
N ALA A 104 -10.92 8.33 4.26
CA ALA A 104 -11.79 9.35 4.87
C ALA A 104 -11.09 10.68 5.08
N SER A 105 -9.76 10.71 4.96
CA SER A 105 -9.02 11.95 5.24
C SER A 105 -9.34 13.01 4.20
N PRO A 106 -9.64 14.23 4.66
CA PRO A 106 -9.88 15.31 3.70
C PRO A 106 -8.59 15.77 3.04
N MET A 107 -7.45 15.30 3.53
CA MET A 107 -6.16 15.70 2.99
C MET A 107 -5.69 14.79 1.87
N PRO A 108 -5.11 15.36 0.80
CA PRO A 108 -4.52 14.51 -0.24
C PRO A 108 -3.20 13.92 0.26
N VAL A 109 -3.02 12.62 0.05
CA VAL A 109 -1.81 11.91 0.47
C VAL A 109 -0.96 11.62 -0.75
N VAL A 110 0.22 12.24 -0.81
CA VAL A 110 1.17 11.97 -1.89
C VAL A 110 2.16 10.90 -1.44
N GLY A 111 2.10 9.73 -2.06
CA GLY A 111 3.03 8.66 -1.74
C GLY A 111 4.36 8.91 -2.43
N ALA A 112 5.43 9.05 -1.65
CA ALA A 112 6.77 9.10 -2.20
C ALA A 112 7.28 7.67 -2.13
N ILE A 113 7.07 6.92 -3.21
CA ILE A 113 7.38 5.49 -3.23
C ILE A 113 8.86 5.34 -3.52
N ASN A 114 9.65 5.28 -2.46
CA ASN A 114 11.12 5.39 -2.55
C ASN A 114 11.84 4.12 -2.94
N GLY A 115 11.10 3.02 -2.98
CA GLY A 115 11.67 1.72 -3.28
C GLY A 115 10.53 0.73 -3.37
N PRO A 116 10.85 -0.57 -3.37
CA PRO A 116 9.82 -1.61 -3.54
C PRO A 116 8.57 -1.45 -2.67
N ALA A 117 7.41 -1.64 -3.30
CA ALA A 117 6.11 -1.66 -2.65
C ALA A 117 5.47 -2.99 -3.01
N ILE A 118 5.46 -3.90 -2.03
CA ILE A 118 5.13 -5.30 -2.27
C ILE A 118 4.03 -5.75 -1.30
N GLY A 119 3.03 -6.46 -1.81
CA GLY A 119 1.96 -6.96 -0.95
C GLY A 119 1.22 -5.87 -0.21
N ALA A 120 1.21 -5.92 1.12
CA ALA A 120 0.58 -4.86 1.90
C ALA A 120 1.15 -3.48 1.54
N GLY A 121 2.42 -3.46 1.12
CA GLY A 121 3.05 -2.22 0.68
C GLY A 121 2.49 -1.67 -0.61
N LEU A 122 2.13 -2.55 -1.52
CA LEU A 122 1.46 -2.13 -2.75
C LEU A 122 0.05 -1.63 -2.43
N GLN A 123 -0.69 -2.36 -1.58
CA GLN A 123 -2.00 -1.84 -1.11
C GLN A 123 -1.89 -0.43 -0.53
N LEU A 124 -0.91 -0.23 0.35
CA LEU A 124 -0.71 1.08 0.97
C LEU A 124 -0.38 2.14 -0.08
N ALA A 125 0.50 1.83 -1.02
CA ALA A 125 0.84 2.77 -2.09
C ALA A 125 -0.41 3.15 -2.90
N MET A 126 -1.27 2.19 -3.18
CA MET A 126 -2.47 2.42 -3.98
C MET A 126 -3.53 3.24 -3.25
N GLN A 127 -3.48 3.25 -1.92
CA GLN A 127 -4.42 4.03 -1.10
C GLN A 127 -3.98 5.50 -1.00
N CYS A 128 -2.74 5.79 -1.38
CA CYS A 128 -2.34 7.18 -1.52
C CYS A 128 -3.17 7.82 -2.64
N ASP A 129 -3.30 9.14 -2.59
CA ASP A 129 -4.05 9.85 -3.62
C ASP A 129 -3.28 10.10 -4.92
N LEU A 130 -1.96 10.24 -4.79
CA LEU A 130 -1.05 10.49 -5.90
C LEU A 130 0.26 9.79 -5.56
N ARG A 131 1.08 9.51 -6.57
CA ARG A 131 2.33 8.76 -6.36
C ARG A 131 3.50 9.37 -7.13
N VAL A 132 4.58 9.63 -6.40
CA VAL A 132 5.85 10.02 -7.00
C VAL A 132 6.82 8.87 -6.72
N VAL A 133 7.35 8.27 -7.78
CA VAL A 133 8.01 6.96 -7.66
C VAL A 133 9.50 7.05 -8.00
N ALA A 134 10.34 6.51 -7.13
CA ALA A 134 11.78 6.51 -7.39
C ALA A 134 12.10 5.60 -8.58
N PRO A 135 13.11 5.96 -9.38
CA PRO A 135 13.43 5.26 -10.63
C PRO A 135 13.67 3.76 -10.46
N ASP A 136 14.13 3.34 -9.30
CA ASP A 136 14.45 1.92 -9.12
C ASP A 136 13.38 1.14 -8.33
N ALA A 137 12.30 1.82 -7.97
CA ALA A 137 11.21 1.16 -7.27
C ALA A 137 10.45 0.21 -8.19
N PHE A 138 9.77 -0.76 -7.60
CA PHE A 138 8.83 -1.60 -8.35
C PHE A 138 7.63 -1.95 -7.47
N PHE A 139 6.57 -2.45 -8.09
CA PHE A 139 5.34 -2.80 -7.41
C PHE A 139 5.04 -4.28 -7.69
N GLN A 140 4.53 -5.01 -6.70
CA GLN A 140 4.26 -6.43 -6.91
C GLN A 140 3.24 -6.99 -5.92
N PHE A 141 2.38 -7.87 -6.40
CA PHE A 141 1.59 -8.77 -5.54
C PHE A 141 2.13 -10.18 -5.80
N PRO A 142 2.97 -10.71 -4.90
CA PRO A 142 3.48 -12.08 -5.08
C PRO A 142 2.54 -13.17 -4.52
N THR A 143 1.25 -12.85 -4.42
CA THR A 143 0.26 -13.77 -3.87
C THR A 143 0.24 -15.15 -4.51
N SER A 144 0.49 -15.22 -5.82
CA SER A 144 0.47 -16.53 -6.50
C SER A 144 1.64 -17.43 -6.12
N LYS A 145 2.70 -16.84 -5.56
CA LYS A 145 3.85 -17.61 -5.12
C LYS A 145 3.62 -18.11 -3.70
N TYR A 146 2.60 -17.57 -3.03
CA TYR A 146 2.38 -17.94 -1.62
C TYR A 146 1.04 -18.61 -1.35
N GLY A 147 0.21 -18.73 -2.38
CA GLY A 147 -1.06 -19.42 -2.27
C GLY A 147 -2.17 -18.56 -1.68
N LEU A 148 -1.97 -17.25 -1.61
CA LEU A 148 -2.91 -16.37 -0.94
C LEU A 148 -3.87 -15.70 -1.92
N ALA A 149 -4.96 -15.15 -1.37
CA ALA A 149 -5.94 -14.41 -2.16
C ALA A 149 -6.10 -13.00 -1.60
N LEU A 150 -6.47 -12.07 -2.48
CA LEU A 150 -6.62 -10.65 -2.11
C LEU A 150 -8.08 -10.25 -1.95
N ASP A 151 -8.31 -9.16 -1.23
CA ASP A 151 -9.61 -8.52 -1.19
C ASP A 151 -9.95 -7.87 -2.54
N ASN A 152 -11.24 -7.62 -2.78
CA ASN A 152 -11.64 -7.11 -4.09
C ASN A 152 -11.12 -5.71 -4.42
N TRP A 153 -11.09 -4.81 -3.44
CA TRP A 153 -10.55 -3.48 -3.69
C TRP A 153 -9.12 -3.53 -4.24
N SER A 154 -8.27 -4.37 -3.65
CA SER A 154 -6.88 -4.46 -4.13
C SER A 154 -6.84 -4.75 -5.63
N ILE A 155 -7.71 -5.68 -6.05
CA ILE A 155 -7.78 -6.08 -7.44
C ILE A 155 -8.38 -4.99 -8.33
N ARG A 156 -9.48 -4.38 -7.90
CA ARG A 156 -10.12 -3.30 -8.67
C ARG A 156 -9.25 -2.05 -8.77
N ARG A 157 -8.69 -1.61 -7.65
CA ARG A 157 -7.85 -0.41 -7.70
C ARG A 157 -6.58 -0.66 -8.54
N LEU A 158 -5.98 -1.85 -8.41
CA LEU A 158 -4.85 -2.19 -9.27
C LEU A 158 -5.24 -2.12 -10.74
N SER A 159 -6.36 -2.74 -11.11
CA SER A 159 -6.81 -2.71 -12.51
C SER A 159 -6.95 -1.27 -13.00
N SER A 160 -7.45 -0.37 -12.13
CA SER A 160 -7.66 1.02 -12.54
C SER A 160 -6.34 1.77 -12.76
N LEU A 161 -5.30 1.37 -12.02
CA LEU A 161 -4.01 2.06 -12.03
C LEU A 161 -3.02 1.54 -13.07
N VAL A 162 -3.07 0.24 -13.37
CA VAL A 162 -2.15 -0.33 -14.37
C VAL A 162 -2.83 -0.83 -15.65
N GLY A 163 -4.16 -0.80 -15.66
CA GLY A 163 -4.94 -1.34 -16.76
C GLY A 163 -5.27 -2.80 -16.50
N HIS A 164 -6.43 -3.24 -16.97
CA HIS A 164 -6.88 -4.60 -16.72
C HIS A 164 -5.86 -5.64 -17.18
N GLY A 165 -5.29 -5.45 -18.37
CA GLY A 165 -4.36 -6.44 -18.90
C GLY A 165 -3.13 -6.68 -18.04
N ARG A 166 -2.46 -5.60 -17.63
CA ARG A 166 -1.32 -5.76 -16.74
C ARG A 166 -1.74 -6.27 -15.37
N ALA A 167 -2.93 -5.90 -14.90
CA ALA A 167 -3.40 -6.44 -13.62
C ALA A 167 -3.53 -7.96 -13.66
N ARG A 168 -4.01 -8.50 -14.78
CA ARG A 168 -4.06 -9.96 -14.94
C ARG A 168 -2.67 -10.58 -14.79
N ALA A 169 -1.67 -10.01 -15.43
CA ALA A 169 -0.32 -10.54 -15.30
C ALA A 169 0.24 -10.40 -13.88
N MET A 170 -0.01 -9.26 -13.23
CA MET A 170 0.48 -9.05 -11.88
C MET A 170 -0.15 -10.06 -10.92
N LEU A 171 -1.44 -10.33 -11.09
CA LEU A 171 -2.14 -11.19 -10.14
C LEU A 171 -1.98 -12.68 -10.42
N LEU A 172 -2.00 -13.07 -11.70
CA LEU A 172 -1.95 -14.48 -12.09
C LEU A 172 -0.51 -15.03 -12.16
N SER A 173 0.48 -14.14 -12.26
CA SER A 173 1.86 -14.60 -12.48
C SER A 173 2.91 -13.88 -11.64
N ALA A 174 2.46 -13.04 -10.70
CA ALA A 174 3.36 -12.33 -9.81
C ALA A 174 4.32 -11.38 -10.52
N GLU A 175 3.88 -10.86 -11.67
CA GLU A 175 4.71 -9.94 -12.47
C GLU A 175 5.01 -8.64 -11.72
N LYS A 176 6.28 -8.21 -11.77
CA LYS A 176 6.67 -6.93 -11.19
C LYS A 176 6.38 -5.80 -12.15
N LEU A 177 5.88 -4.69 -11.60
CA LEU A 177 5.66 -3.47 -12.36
C LEU A 177 6.81 -2.51 -12.07
N THR A 178 7.59 -2.19 -13.10
CA THR A 178 8.73 -1.27 -12.94
C THR A 178 8.25 0.17 -12.83
N ALA A 179 9.12 1.04 -12.34
CA ALA A 179 8.81 2.46 -12.25
C ALA A 179 8.50 3.06 -13.62
N GLU A 180 9.29 2.69 -14.62
CA GLU A 180 9.07 3.21 -15.97
C GLU A 180 7.68 2.85 -16.51
N ILE A 181 7.28 1.59 -16.34
CA ILE A 181 5.96 1.16 -16.82
C ILE A 181 4.85 1.75 -15.95
N ALA A 182 5.12 1.90 -14.66
CA ALA A 182 4.18 2.60 -13.76
C ALA A 182 3.91 4.03 -14.26
N LEU A 183 4.93 4.71 -14.74
CA LEU A 183 4.71 6.05 -15.29
C LEU A 183 3.84 5.99 -16.55
N HIS A 184 4.11 5.00 -17.40
CA HIS A 184 3.29 4.82 -18.60
C HIS A 184 1.82 4.63 -18.27
N THR A 185 1.52 3.79 -17.25
CA THR A 185 0.13 3.44 -16.97
C THR A 185 -0.60 4.46 -16.11
N GLY A 186 0.16 5.32 -15.43
CA GLY A 186 -0.42 6.26 -14.47
C GLY A 186 -0.41 5.81 -13.02
N MET A 187 0.11 4.60 -12.74
CA MET A 187 0.38 4.18 -11.37
C MET A 187 1.34 5.15 -10.69
N ALA A 188 2.38 5.55 -11.41
CA ALA A 188 3.22 6.65 -10.99
C ALA A 188 2.74 7.91 -11.69
N ASN A 189 2.45 8.97 -10.93
CA ASN A 189 2.12 10.25 -11.55
C ASN A 189 3.39 10.97 -12.01
N ARG A 190 4.48 10.72 -11.30
CA ARG A 190 5.79 11.25 -11.66
C ARG A 190 6.87 10.28 -11.20
N ILE A 191 7.99 10.27 -11.90
CA ILE A 191 9.21 9.66 -11.40
C ILE A 191 10.02 10.72 -10.68
N GLY A 192 10.41 10.43 -9.45
CA GLY A 192 11.19 11.38 -8.67
C GLY A 192 11.44 10.96 -7.24
N THR A 193 12.02 11.89 -6.48
CA THR A 193 12.47 11.61 -5.12
C THR A 193 11.49 12.15 -4.07
N LEU A 194 11.79 11.84 -2.81
CA LEU A 194 11.03 12.39 -1.70
C LEU A 194 10.95 13.91 -1.78
N ALA A 195 12.09 14.56 -2.05
CA ALA A 195 12.07 16.02 -2.18
C ALA A 195 11.13 16.49 -3.29
N ASP A 196 11.12 15.77 -4.41
CA ASP A 196 10.20 16.07 -5.52
C ASP A 196 8.75 15.95 -5.06
N ALA A 197 8.46 14.88 -4.31
CA ALA A 197 7.11 14.70 -3.79
C ALA A 197 6.71 15.83 -2.85
N GLN A 198 7.64 16.25 -1.99
CA GLN A 198 7.39 17.32 -1.04
C GLN A 198 7.14 18.66 -1.73
N ALA A 199 7.86 18.92 -2.83
CA ALA A 199 7.65 20.13 -3.61
C ALA A 199 6.26 20.15 -4.25
N TRP A 200 5.84 19.01 -4.80
CA TRP A 200 4.52 18.93 -5.43
C TRP A 200 3.43 19.09 -4.37
N ALA A 201 3.62 18.43 -3.23
CA ALA A 201 2.68 18.54 -2.13
C ALA A 201 2.52 20.00 -1.69
N ALA A 202 3.61 20.76 -1.75
CA ALA A 202 3.56 22.18 -1.38
C ALA A 202 2.66 22.95 -2.34
N GLU A 203 2.75 22.64 -3.63
CA GLU A 203 1.86 23.24 -4.62
C GLU A 203 0.40 22.86 -4.36
N ILE A 204 0.17 21.58 -4.08
CA ILE A 204 -1.17 21.09 -3.81
C ILE A 204 -1.77 21.73 -2.55
N ALA A 205 -0.93 21.97 -1.55
CA ALA A 205 -1.36 22.59 -0.30
C ALA A 205 -1.86 24.04 -0.50
N ARG A 206 -1.55 24.62 -1.64
CA ARG A 206 -2.01 25.98 -1.95
C ARG A 206 -3.34 25.99 -2.73
N LEU A 207 -3.82 24.81 -3.12
CA LEU A 207 -5.07 24.71 -3.88
C LEU A 207 -6.28 24.73 -2.95
N ALA A 208 -7.48 24.79 -3.52
CA ALA A 208 -8.69 24.91 -2.73
C ALA A 208 -9.09 23.58 -2.08
N PRO A 209 -9.07 23.52 -0.74
CA PRO A 209 -9.30 22.23 -0.06
C PRO A 209 -10.65 21.57 -0.37
N LEU A 210 -11.73 22.34 -0.49
CA LEU A 210 -13.03 21.70 -0.70
C LEU A 210 -13.14 21.07 -2.08
N ALA A 211 -12.44 21.64 -3.06
CA ALA A 211 -12.39 21.05 -4.40
C ALA A 211 -11.67 19.71 -4.37
N ILE A 212 -10.56 19.68 -3.66
CA ILE A 212 -9.78 18.45 -3.51
C ILE A 212 -10.58 17.39 -2.77
N GLN A 213 -11.30 17.78 -1.72
CA GLN A 213 -12.10 16.85 -0.94
C GLN A 213 -13.20 16.21 -1.78
N HIS A 214 -13.90 17.02 -2.56
CA HIS A 214 -14.95 16.48 -3.42
C HIS A 214 -14.40 15.49 -4.44
N ALA A 215 -13.35 15.89 -5.15
CA ALA A 215 -12.79 15.01 -6.19
C ALA A 215 -12.27 13.71 -5.60
N LYS A 216 -11.60 13.78 -4.44
CA LYS A 216 -11.09 12.56 -3.80
C LYS A 216 -12.21 11.59 -3.47
N ARG A 217 -13.29 12.10 -2.90
CA ARG A 217 -14.42 11.26 -2.53
C ARG A 217 -15.03 10.58 -3.77
N VAL A 218 -15.29 11.36 -4.82
CA VAL A 218 -15.87 10.80 -6.03
C VAL A 218 -14.94 9.75 -6.69
N LEU A 219 -13.65 10.09 -6.80
CA LEU A 219 -12.67 9.14 -7.35
C LEU A 219 -12.61 7.83 -6.57
N ASN A 220 -12.60 7.91 -5.25
CA ASN A 220 -12.54 6.70 -4.42
C ASN A 220 -13.83 5.88 -4.49
N ASP A 221 -14.92 6.54 -4.88
CA ASP A 221 -16.23 5.91 -5.05
C ASP A 221 -16.50 5.49 -6.50
N ASP A 222 -15.44 5.14 -7.23
CA ASP A 222 -15.56 4.64 -8.60
C ASP A 222 -16.07 3.20 -8.70
N GLY A 223 -16.21 2.53 -7.56
CA GLY A 223 -16.65 1.15 -7.53
C GLY A 223 -15.58 0.17 -7.05
N ALA A 224 -14.34 0.63 -6.88
CA ALA A 224 -13.27 -0.26 -6.40
C ALA A 224 -13.54 -0.79 -5.01
N ILE A 225 -14.18 0.01 -4.17
CA ILE A 225 -14.59 -0.44 -2.84
C ILE A 225 -15.77 -1.38 -3.03
N GLU A 226 -15.47 -2.68 -3.06
CA GLU A 226 -16.43 -3.71 -3.44
C GLU A 226 -16.41 -4.88 -2.47
N GLU A 227 -17.59 -5.27 -1.99
CA GLU A 227 -17.71 -6.46 -1.19
C GLU A 227 -17.51 -7.69 -2.08
N ALA A 228 -16.76 -8.66 -1.56
CA ALA A 228 -16.56 -9.92 -2.28
C ALA A 228 -17.89 -10.60 -2.60
N TRP A 229 -18.06 -11.08 -3.83
CA TRP A 229 -19.23 -11.85 -4.19
C TRP A 229 -19.15 -13.20 -3.47
N PRO A 230 -20.27 -13.93 -3.37
CA PRO A 230 -20.24 -15.23 -2.70
C PRO A 230 -19.14 -16.18 -3.24
N ALA A 231 -19.01 -16.29 -4.56
CA ALA A 231 -17.97 -17.17 -5.11
C ALA A 231 -16.56 -16.69 -4.78
N HIS A 232 -16.40 -15.37 -4.64
CA HIS A 232 -15.10 -14.80 -4.34
C HIS A 232 -14.70 -15.17 -2.92
N LYS A 233 -15.65 -15.06 -1.99
CA LYS A 233 -15.41 -15.43 -0.60
C LYS A 233 -15.07 -16.92 -0.48
N GLU A 234 -15.80 -17.77 -1.19
CA GLU A 234 -15.53 -19.20 -1.17
C GLU A 234 -14.09 -19.50 -1.59
N LEU A 235 -13.67 -18.92 -2.72
CA LEU A 235 -12.33 -19.16 -3.22
C LEU A 235 -11.28 -18.53 -2.31
N PHE A 236 -11.60 -17.38 -1.74
CA PHE A 236 -10.68 -16.70 -0.83
C PHE A 236 -10.39 -17.58 0.40
N ASP A 237 -11.46 -18.10 1.01
CA ASP A 237 -11.30 -18.96 2.19
C ASP A 237 -10.61 -20.27 1.86
N LYS A 238 -10.90 -20.82 0.68
CA LYS A 238 -10.25 -22.06 0.24
C LYS A 238 -8.74 -21.86 0.11
N ALA A 239 -8.32 -20.73 -0.47
CA ALA A 239 -6.91 -20.42 -0.57
C ALA A 239 -6.28 -20.27 0.80
N TRP A 240 -6.88 -19.42 1.64
CA TRP A 240 -6.23 -19.13 2.92
C TRP A 240 -6.13 -20.35 3.84
N GLY A 241 -7.05 -21.30 3.72
CA GLY A 241 -7.03 -22.49 4.56
C GLY A 241 -6.33 -23.69 3.95
N SER A 242 -5.65 -23.48 2.82
CA SER A 242 -5.09 -24.59 2.05
C SER A 242 -3.74 -25.08 2.58
N GLN A 243 -3.42 -26.32 2.26
CA GLN A 243 -2.10 -26.85 2.54
C GLN A 243 -1.03 -26.14 1.71
N ASP A 244 -1.41 -25.68 0.51
CA ASP A 244 -0.45 -24.96 -0.32
C ASP A 244 0.13 -23.71 0.33
N VAL A 245 -0.66 -23.00 1.14
CA VAL A 245 -0.15 -21.86 1.90
C VAL A 245 0.97 -22.29 2.86
N ILE A 246 0.76 -23.42 3.53
CA ILE A 246 1.77 -23.97 4.42
C ILE A 246 3.01 -24.41 3.63
N GLU A 247 2.79 -25.11 2.53
CA GLU A 247 3.88 -25.56 1.66
C GLU A 247 4.77 -24.43 1.17
N ALA A 248 4.18 -23.29 0.81
CA ALA A 248 4.98 -22.16 0.37
C ALA A 248 5.92 -21.68 1.48
N GLN A 249 5.42 -21.66 2.72
CA GLN A 249 6.20 -21.22 3.87
C GLN A 249 7.31 -22.20 4.21
N VAL A 250 6.96 -23.49 4.21
CA VAL A 250 7.95 -24.54 4.52
C VAL A 250 9.04 -24.58 3.46
N ALA A 251 8.64 -24.49 2.18
CA ALA A 251 9.60 -24.53 1.08
C ALA A 251 10.60 -23.39 1.18
N ARG A 252 10.12 -22.21 1.58
CA ARG A 252 11.00 -21.06 1.79
C ARG A 252 12.01 -21.34 2.89
N MET A 253 11.53 -21.83 4.04
CA MET A 253 12.40 -22.14 5.16
C MET A 253 13.45 -23.18 4.80
N GLU A 254 13.08 -24.11 3.93
CA GLU A 254 13.97 -25.19 3.52
C GLU A 254 14.75 -24.84 2.24
N LYS A 255 14.55 -23.64 1.74
CA LYS A 255 15.26 -23.14 0.55
C LYS A 255 15.14 -24.06 -0.67
N ARG A 256 13.91 -24.44 -0.98
CA ARG A 256 13.62 -25.30 -2.12
C ARG A 256 12.36 -24.80 -2.82
N PRO A 257 12.16 -25.21 -4.09
CA PRO A 257 10.94 -24.86 -4.80
C PRO A 257 9.71 -25.49 -4.13
N PRO A 258 8.61 -24.74 -4.05
CA PRO A 258 7.37 -25.32 -3.53
C PRO A 258 6.79 -26.32 -4.51
N LYS A 259 6.15 -27.37 -3.98
CA LYS A 259 5.42 -28.33 -4.79
C LYS A 259 3.93 -28.22 -4.46
N PHE A 260 3.24 -27.34 -5.17
CA PHE A 260 1.84 -27.07 -4.89
C PHE A 260 0.94 -28.19 -5.40
N GLN A 261 -0.18 -28.41 -4.71
CA GLN A 261 -1.12 -29.47 -5.07
C GLN A 261 -2.53 -28.98 -5.39
N GLY A 262 -2.79 -27.69 -5.20
CA GLY A 262 -4.10 -27.15 -5.46
C GLY A 262 -5.10 -27.49 -4.36
N ALA A 263 -4.58 -27.70 -3.16
CA ALA A 263 -5.40 -28.04 -2.00
C ALA A 263 -4.68 -27.56 -0.75
O21 G7A B . -12.58 -5.52 3.14
C20 G7A B . -11.81 -6.46 3.37
O22 G7A B . -12.23 -7.60 3.66
C17 G7A B . -10.33 -6.26 3.26
C18 G7A B . -9.28 -7.15 3.53
N19 G7A B . -8.09 -6.54 3.26
N4 G7A B . -8.42 -5.25 2.82
C3 G7A B . -7.36 -4.31 2.40
C13 G7A B . -6.10 -4.39 3.26
F57 G7A B . -5.52 -5.57 3.15
F56 G7A B . -5.25 -3.47 2.84
F58 G7A B . -6.40 -4.15 4.52
C5 G7A B . -9.72 -5.11 2.81
N6 G7A B . -10.28 -3.92 2.41
C1 G7A B . -9.43 -2.91 1.77
C2 G7A B . -8.03 -2.93 2.42
C7 G7A B . -10.03 -1.55 1.90
C12 G7A B . -10.57 -1.11 3.11
C11 G7A B . -11.14 0.17 3.21
C10 G7A B . -11.17 1.02 2.09
C32 G7A B . -11.78 2.40 2.20
C33 G7A B . -13.23 2.31 2.65
C9 G7A B . -10.63 0.57 0.90
C8 G7A B . -10.07 -0.69 0.80
H18 G7A B . -9.40 -8.16 3.90
H3 G7A B . -7.07 -4.53 1.36
H1 G7A B . -9.31 -3.16 0.70
H22 G7A B . -7.38 -2.22 1.90
H21 G7A B . -8.12 -2.59 3.46
H12 G7A B . -10.55 -1.75 3.97
H11 G7A B . -11.55 0.50 4.15
H321 G7A B . -11.73 2.90 1.23
H322 G7A B . -11.21 2.99 2.93
H331 G7A B . -13.64 3.28 2.72
H333 G7A B . -13.78 1.74 1.94
H332 G7A B . -13.27 1.83 3.60
H9 G7A B . -10.65 1.21 0.03
H8 G7A B . -9.66 -1.02 -0.15
#